data_3SH9
#
_entry.id   3SH9
#
_cell.length_a   43.386
_cell.length_b   91.626
_cell.length_c   66.008
_cell.angle_alpha   90.00
_cell.angle_beta   104.50
_cell.angle_gamma   90.00
#
_symmetry.space_group_name_H-M   'P 1 21 1'
#
loop_
_entity.id
_entity.type
_entity.pdbx_description
1 polymer Beta-lactamase
2 non-polymer "CEFOTAXIME, C3' cleaved, open, bound form"
3 non-polymer 1-[6-(dimethylamino)naphthalen-2-yl]ethanone
4 water water
#
_entity_poly.entity_id   1
_entity_poly.type   'polypeptide(L)'
_entity_poly.pdbx_seq_one_letter_code
;MKTEMKDDFAKLEEQFDAKLGIFALDTGTNRTVAYRPDERFAFASTIKALTVGVLLQQKSIEDLNQRITYTRDDLVNYNP
ITEKHVDTGMTLKELADASLRYSDNAAQNLILKQIGGPESLKKELRKIGDEVTNPERFCPELNEVNPGETQDTSTARALV
TSLRAFALEDKLPSEKRELLIDWMKRNTTGDALIRAGVPDGWEVADKTGAASYGTRNDIAIIWPPKGDPVVLAVLSSRDK
KDAKYDDKLIAEATKVVMKALNMNGK
;
_entity_poly.pdbx_strand_id   A,B
#
# COMPACT_ATOMS: atom_id res chain seq x y z
N ASP A 7 4.85 26.51 24.94
CA ASP A 7 5.25 25.49 23.94
C ASP A 7 4.03 24.90 23.22
N ASP A 8 4.22 24.58 21.95
CA ASP A 8 3.12 24.10 21.10
C ASP A 8 2.53 22.77 21.52
N PHE A 9 3.33 21.88 22.14
CA PHE A 9 2.79 20.61 22.63
C PHE A 9 1.84 20.77 23.80
N ALA A 10 2.20 21.63 24.75
CA ALA A 10 1.31 21.94 25.87
C ALA A 10 0.00 22.55 25.36
N LYS A 11 0.09 23.38 24.34
CA LYS A 11 -1.09 23.99 23.70
C LYS A 11 -2.07 22.95 23.15
N LEU A 12 -1.51 21.92 22.52
CA LEU A 12 -2.30 20.83 21.93
C LEU A 12 -2.99 19.97 23.00
N GLU A 13 -2.30 19.70 24.10
CA GLU A 13 -2.90 18.97 25.22
C GLU A 13 -4.12 19.68 25.77
N GLU A 14 -3.96 20.99 25.91
CA GLU A 14 -4.98 21.96 26.31
C GLU A 14 -6.14 21.95 25.30
N GLN A 15 -5.81 22.20 24.03
CA GLN A 15 -6.77 22.21 22.92
C GLN A 15 -7.61 20.96 22.74
N PHE A 16 -7.00 19.81 23.02
CA PHE A 16 -7.64 18.51 22.78
C PHE A 16 -8.00 17.72 24.04
N ASP A 17 -7.87 18.33 25.22
CA ASP A 17 -8.23 17.67 26.50
C ASP A 17 -7.53 16.32 26.65
N ALA A 18 -6.21 16.31 26.42
CA ALA A 18 -5.47 15.06 26.34
C ALA A 18 -4.04 15.22 26.83
N LYS A 19 -3.38 14.10 27.02
CA LYS A 19 -1.96 14.03 27.32
C LYS A 19 -1.22 13.48 26.09
N LEU A 20 -0.08 14.09 25.78
CA LEU A 20 0.71 13.78 24.59
C LEU A 20 2.11 13.23 25.00
N GLY A 21 2.57 12.21 24.28
CA GLY A 21 3.91 11.66 24.45
C GLY A 21 4.55 11.68 23.09
N ILE A 22 5.66 12.42 22.97
CA ILE A 22 6.31 12.67 21.70
C ILE A 22 7.80 12.32 21.74
N PHE A 23 8.26 11.54 20.76
CA PHE A 23 9.68 11.38 20.53
C PHE A 23 9.91 11.21 19.03
N ALA A 24 10.84 12.00 18.50
CA ALA A 24 11.21 12.00 17.11
C ALA A 24 12.71 12.06 16.99
N LEU A 25 13.24 11.23 16.10
CA LEU A 25 14.66 11.19 15.81
C LEU A 25 14.93 11.37 14.32
N ASP A 26 15.65 12.43 13.95
CA ASP A 26 16.17 12.59 12.61
C ASP A 26 17.42 11.71 12.51
N THR A 27 17.36 10.64 11.71
CA THR A 27 18.46 9.67 11.68
C THR A 27 19.68 10.21 10.91
N GLY A 28 19.49 11.30 10.17
CA GLY A 28 20.59 12.01 9.51
C GLY A 28 21.45 12.82 10.47
N THR A 29 20.81 13.68 11.26
CA THR A 29 21.51 14.62 12.13
C THR A 29 21.59 14.19 13.59
N ASN A 30 20.75 13.23 13.97
CA ASN A 30 20.53 12.87 15.36
C ASN A 30 19.82 13.96 16.20
N ARG A 31 19.34 15.02 15.56
CA ARG A 31 18.44 15.96 16.23
C ARG A 31 17.21 15.17 16.71
N THR A 32 16.72 15.49 17.90
CA THR A 32 15.51 14.88 18.41
C THR A 32 14.48 15.94 18.78
N VAL A 33 13.22 15.53 18.76
CA VAL A 33 12.13 16.28 19.35
C VAL A 33 11.37 15.39 20.32
N ALA A 34 11.36 16.04 21.73
CA ALA A 34 10.87 15.22 22.83
C ALA A 34 9.89 16.03 23.63
N TYR A 35 8.75 15.36 24.11
CA TYR A 35 7.76 15.88 25.02
C TYR A 35 7.13 14.69 25.71
N ARG A 36 7.34 14.60 27.02
CA ARG A 36 6.95 13.40 27.77
C ARG A 36 7.48 12.11 27.10
N PRO A 37 8.74 12.10 26.62
CA PRO A 37 9.24 11.00 25.80
C PRO A 37 9.40 9.69 26.58
N ASP A 38 9.50 9.78 27.90
CA ASP A 38 9.67 8.58 28.73
C ASP A 38 8.44 8.29 29.56
N GLU A 39 7.32 8.95 29.27
CA GLU A 39 6.06 8.69 29.97
C GLU A 39 5.37 7.49 29.38
N ARG A 40 4.86 6.60 30.22
CA ARG A 40 4.20 5.37 29.74
C ARG A 40 2.77 5.62 29.26
N PHE A 41 2.43 5.03 28.11
CA PHE A 41 1.08 5.02 27.55
C PHE A 41 0.81 3.60 27.15
N ALA A 42 -0.46 3.20 27.15
CA ALA A 42 -0.86 1.94 26.53
C ALA A 42 -0.40 1.99 25.07
N PHE A 43 0.30 0.95 24.62
CA PHE A 43 0.83 0.98 23.25
C PHE A 43 -0.25 0.64 22.23
N ALA A 44 -1.26 -0.10 22.69
CA ALA A 44 -2.39 -0.49 21.83
C ALA A 44 -1.84 -1.16 20.57
N SER A 45 -2.43 -0.90 19.39
CA SER A 45 -2.06 -1.72 18.21
C SER A 45 -0.69 -1.41 17.63
N THR A 46 0.01 -0.41 18.17
CA THR A 46 1.36 -0.11 17.66
C THR A 46 2.30 -1.28 17.89
N ILE A 47 1.95 -2.14 18.86
CA ILE A 47 2.75 -3.32 19.20
C ILE A 47 2.77 -4.34 18.06
N LYS A 48 1.77 -4.28 17.17
CA LYS A 48 1.71 -5.15 15.99
C LYS A 48 2.95 -5.03 15.11
N ALA A 49 3.47 -3.81 15.01
CA ALA A 49 4.66 -3.58 14.17
C ALA A 49 5.86 -4.33 14.75
N LEU A 50 6.07 -4.17 16.06
CA LEU A 50 7.16 -4.87 16.74
C LEU A 50 6.94 -6.39 16.73
N THR A 51 5.68 -6.83 16.75
CA THR A 51 5.34 -8.26 16.74
C THR A 51 5.74 -8.91 15.39
N VAL A 52 5.42 -8.23 14.29
CA VAL A 52 5.90 -8.68 12.96
C VAL A 52 7.44 -8.64 12.87
N GLY A 53 8.06 -7.61 13.45
CA GLY A 53 9.53 -7.56 13.51
C GLY A 53 10.07 -8.84 14.13
N VAL A 54 9.50 -9.24 15.27
CA VAL A 54 9.88 -10.49 15.92
C VAL A 54 9.53 -11.72 15.08
N LEU A 55 8.35 -11.74 14.48
CA LEU A 55 7.97 -12.83 13.59
C LEU A 55 9.00 -13.00 12.49
N LEU A 56 9.36 -11.90 11.83
CA LEU A 56 10.38 -11.93 10.75
C LEU A 56 11.75 -12.39 11.21
N GLN A 57 12.11 -12.09 12.46
CA GLN A 57 13.34 -12.62 13.03
C GLN A 57 13.30 -14.13 13.17
N GLN A 58 12.15 -14.70 13.54
CA GLN A 58 11.99 -16.11 13.96
C GLN A 58 12.08 -17.07 12.78
N LYS A 59 11.23 -16.59 11.57
CA LYS A 59 10.77 -17.43 10.48
C LYS A 59 11.61 -17.06 9.28
N SER A 60 11.94 -17.98 8.30
CA SER A 60 12.36 -17.69 6.91
C SER A 60 11.19 -17.08 6.14
N ILE A 61 11.49 -16.33 5.09
CA ILE A 61 10.43 -15.76 4.25
C ILE A 61 9.50 -16.89 3.76
N GLU A 62 10.08 -17.99 3.28
CA GLU A 62 9.33 -19.15 2.82
C GLU A 62 8.40 -19.73 3.91
N ASP A 63 8.86 -19.75 5.16
CA ASP A 63 8.05 -20.23 6.29
C ASP A 63 6.80 -19.36 6.57
N LEU A 64 6.81 -18.12 6.11
CA LEU A 64 5.64 -17.25 6.25
C LEU A 64 4.48 -17.75 5.42
N ASN A 65 4.75 -18.71 4.56
CA ASN A 65 3.70 -19.27 3.73
C ASN A 65 2.94 -20.40 4.40
N GLN A 66 3.36 -20.76 5.62
CA GLN A 66 2.64 -21.73 6.45
C GLN A 66 1.18 -21.29 6.65
N ARG A 67 0.24 -22.12 6.20
CA ARG A 67 -1.19 -21.86 6.41
C ARG A 67 -1.58 -22.04 7.87
N ILE A 68 -2.22 -21.02 8.43
CA ILE A 68 -2.67 -21.07 9.81
C ILE A 68 -4.20 -21.21 9.80
N THR A 69 -4.70 -22.28 10.41
CA THR A 69 -6.15 -22.46 10.54
C THR A 69 -6.64 -21.90 11.87
N TYR A 70 -7.87 -21.43 11.85
CA TYR A 70 -8.47 -20.84 13.02
C TYR A 70 -9.97 -20.96 12.90
N THR A 71 -10.65 -20.62 13.98
CA THR A 71 -12.08 -20.82 14.06
C THR A 71 -12.72 -19.50 14.44
N ARG A 72 -14.04 -19.42 14.35
CA ARG A 72 -14.79 -18.26 14.77
C ARG A 72 -14.49 -17.82 16.22
N ASP A 73 -14.06 -18.78 17.04
CA ASP A 73 -13.62 -18.52 18.43
C ASP A 73 -12.40 -17.60 18.52
N ASP A 74 -11.58 -17.65 17.48
CA ASP A 74 -10.37 -16.84 17.40
C ASP A 74 -10.64 -15.41 16.97
N LEU A 75 -11.84 -15.17 16.42
CA LEU A 75 -12.26 -13.82 16.10
C LEU A 75 -12.55 -13.03 17.39
N VAL A 76 -12.17 -11.76 17.40
CA VAL A 76 -12.36 -10.91 18.58
C VAL A 76 -13.20 -9.65 18.29
N ASN A 77 -12.77 -8.49 18.81
CA ASN A 77 -13.54 -7.25 18.66
C ASN A 77 -13.53 -6.65 17.27
N TYR A 78 -12.45 -6.87 16.53
CA TYR A 78 -12.28 -6.26 15.22
C TYR A 78 -11.42 -7.15 14.32
N ASN A 79 -12.06 -7.70 13.28
CA ASN A 79 -11.49 -8.76 12.46
C ASN A 79 -11.77 -8.54 10.97
N PRO A 80 -11.36 -7.39 10.43
CA PRO A 80 -11.78 -7.02 9.07
C PRO A 80 -11.41 -8.01 7.98
N ILE A 81 -10.23 -8.63 8.11
CA ILE A 81 -9.78 -9.56 7.10
C ILE A 81 -10.02 -10.97 7.57
N THR A 82 -9.62 -11.27 8.80
CA THR A 82 -9.69 -12.64 9.32
C THR A 82 -11.12 -13.22 9.37
N GLU A 83 -12.12 -12.36 9.56
CA GLU A 83 -13.52 -12.82 9.55
C GLU A 83 -13.95 -13.34 8.18
N LYS A 84 -13.21 -12.96 7.14
CA LYS A 84 -13.53 -13.40 5.80
C LYS A 84 -12.90 -14.74 5.41
N HIS A 85 -12.02 -15.30 6.24
CA HIS A 85 -11.25 -16.48 5.84
C HIS A 85 -11.18 -17.61 6.86
N VAL A 86 -12.22 -17.71 7.71
CA VAL A 86 -12.27 -18.84 8.64
C VAL A 86 -12.29 -20.18 7.90
N ASP A 87 -12.89 -20.18 6.71
CA ASP A 87 -13.03 -21.38 5.89
C ASP A 87 -11.72 -21.95 5.35
N THR A 88 -10.78 -21.06 5.01
CA THR A 88 -9.51 -21.48 4.39
C THR A 88 -8.34 -21.36 5.36
N GLY A 89 -8.51 -20.58 6.42
CA GLY A 89 -7.39 -20.11 7.22
C GLY A 89 -6.64 -19.04 6.42
N MET A 90 -5.49 -18.60 6.94
CA MET A 90 -4.67 -17.62 6.22
C MET A 90 -3.20 -17.94 6.46
N THR A 91 -2.33 -17.60 5.52
CA THR A 91 -0.91 -17.84 5.77
C THR A 91 -0.37 -16.80 6.75
N LEU A 92 0.78 -17.09 7.33
CA LEU A 92 1.40 -16.14 8.28
C LEU A 92 1.67 -14.79 7.58
N LYS A 93 2.04 -14.86 6.30
CA LYS A 93 2.26 -13.64 5.53
C LYS A 93 0.99 -12.79 5.37
N GLU A 94 -0.13 -13.45 5.09
CA GLU A 94 -1.42 -12.78 4.95
C GLU A 94 -1.88 -12.23 6.30
N LEU A 95 -1.56 -12.95 7.38
CA LEU A 95 -1.89 -12.48 8.73
C LEU A 95 -1.08 -11.25 9.07
N ALA A 96 0.21 -11.24 8.71
CA ALA A 96 1.03 -10.04 8.95
C ALA A 96 0.50 -8.85 8.14
N ASP A 97 0.08 -9.11 6.89
CA ASP A 97 -0.53 -8.05 6.06
C ASP A 97 -1.80 -7.48 6.72
N ALA A 98 -2.67 -8.39 7.20
CA ALA A 98 -3.92 -8.00 7.88
C ALA A 98 -3.65 -7.22 9.17
N SER A 99 -2.69 -7.69 9.94
CA SER A 99 -2.37 -7.07 11.22
C SER A 99 -1.88 -5.62 11.01
N LEU A 100 -0.89 -5.49 10.14
CA LEU A 100 -0.22 -4.22 9.92
C LEU A 100 -1.03 -3.20 9.14
N ARG A 101 -1.72 -3.64 8.08
CA ARG A 101 -2.36 -2.70 7.15
C ARG A 101 -3.81 -2.38 7.49
N TYR A 102 -4.43 -3.25 8.27
CA TYR A 102 -5.84 -3.10 8.69
C TYR A 102 -6.01 -3.08 10.22
N SER A 103 -4.94 -3.37 10.96
CA SER A 103 -5.00 -3.53 12.41
C SER A 103 -6.03 -4.60 12.79
N ASP A 104 -6.03 -5.69 12.06
CA ASP A 104 -6.87 -6.85 12.36
C ASP A 104 -6.40 -7.46 13.68
N ASN A 105 -7.25 -7.42 14.70
CA ASN A 105 -6.89 -7.91 16.04
C ASN A 105 -6.72 -9.41 16.11
N ALA A 106 -7.58 -10.13 15.43
CA ALA A 106 -7.47 -11.59 15.36
C ALA A 106 -6.17 -12.02 14.70
N ALA A 107 -5.76 -11.31 13.64
CA ALA A 107 -4.51 -11.61 12.96
C ALA A 107 -3.33 -11.45 13.90
N GLN A 108 -3.32 -10.38 14.68
CA GLN A 108 -2.27 -10.16 15.68
C GLN A 108 -2.26 -11.29 16.68
N ASN A 109 -3.44 -11.67 17.19
CA ASN A 109 -3.52 -12.79 18.15
C ASN A 109 -2.91 -14.05 17.57
N LEU A 110 -3.27 -14.39 16.32
CA LEU A 110 -2.77 -15.60 15.69
C LEU A 110 -1.26 -15.57 15.54
N ILE A 111 -0.74 -14.42 15.13
CA ILE A 111 0.72 -14.22 15.01
C ILE A 111 1.43 -14.38 16.37
N LEU A 112 0.89 -13.74 17.40
CA LEU A 112 1.46 -13.84 18.75
C LEU A 112 1.52 -15.28 19.26
N LYS A 113 0.42 -15.99 19.04
CA LYS A 113 0.32 -17.40 19.38
C LYS A 113 1.47 -18.16 18.73
N GLN A 114 1.76 -17.85 17.47
CA GLN A 114 2.82 -18.54 16.72
C GLN A 114 4.24 -18.20 17.18
N ILE A 115 4.44 -17.01 17.73
CA ILE A 115 5.77 -16.66 18.25
C ILE A 115 5.95 -16.97 19.74
N GLY A 116 4.93 -17.57 20.35
CA GLY A 116 5.01 -18.06 21.73
C GLY A 116 4.35 -17.17 22.77
N GLY A 117 3.48 -16.26 22.32
CA GLY A 117 2.74 -15.39 23.24
C GLY A 117 3.49 -14.16 23.72
N PRO A 118 2.82 -13.30 24.51
CA PRO A 118 3.42 -12.07 25.07
C PRO A 118 4.75 -12.24 25.83
N GLU A 119 4.90 -13.36 26.55
CA GLU A 119 6.14 -13.66 27.30
C GLU A 119 7.28 -13.79 26.33
N SER A 120 7.02 -14.50 25.24
CA SER A 120 7.99 -14.71 24.20
C SER A 120 8.26 -13.39 23.46
N LEU A 121 7.20 -12.64 23.11
CA LEU A 121 7.41 -11.31 22.51
C LEU A 121 8.28 -10.45 23.44
N LYS A 122 7.94 -10.41 24.73
CA LYS A 122 8.71 -9.60 25.67
C LYS A 122 10.20 -9.99 25.66
N LYS A 123 10.46 -11.29 25.71
CA LYS A 123 11.85 -11.80 25.68
C LYS A 123 12.60 -11.31 24.49
N GLU A 124 11.96 -11.37 23.32
CA GLU A 124 12.65 -10.97 22.09
C GLU A 124 12.88 -9.45 22.00
N LEU A 125 11.97 -8.68 22.58
CA LEU A 125 12.14 -7.22 22.62
C LEU A 125 13.31 -6.85 23.53
N ARG A 126 13.36 -7.50 24.69
CA ARG A 126 14.50 -7.32 25.61
C ARG A 126 15.81 -7.61 24.88
N LYS A 127 15.79 -8.60 23.99
CA LYS A 127 16.99 -8.99 23.24
C LYS A 127 17.50 -7.90 22.30
N ILE A 128 16.61 -7.04 21.79
CA ILE A 128 17.05 -5.97 20.91
C ILE A 128 17.43 -4.71 21.65
N GLY A 129 17.31 -4.74 22.98
CA GLY A 129 17.71 -3.63 23.84
C GLY A 129 16.55 -2.88 24.48
N ASP A 130 15.33 -3.33 24.20
CA ASP A 130 14.10 -2.68 24.72
C ASP A 130 13.72 -3.22 26.09
N GLU A 131 14.05 -2.44 27.11
CA GLU A 131 13.72 -2.77 28.49
C GLU A 131 12.42 -2.12 28.97
N VAL A 132 11.75 -1.39 28.09
CA VAL A 132 10.59 -0.62 28.54
C VAL A 132 9.25 -1.19 28.12
N THR A 133 9.13 -1.59 26.85
CA THR A 133 7.89 -2.12 26.32
C THR A 133 7.53 -3.39 27.07
N ASN A 134 6.27 -3.48 27.50
CA ASN A 134 5.84 -4.54 28.38
C ASN A 134 4.64 -5.33 27.92
N PRO A 135 4.83 -6.25 26.96
CA PRO A 135 3.72 -7.07 26.51
C PRO A 135 3.35 -8.06 27.61
N GLU A 136 2.06 -8.15 27.92
CA GLU A 136 1.61 -8.95 29.05
C GLU A 136 0.46 -9.88 28.63
N ARG A 137 -0.46 -9.34 27.83
CA ARG A 137 -1.62 -10.08 27.39
C ARG A 137 -1.76 -10.06 25.86
N PHE A 138 -2.44 -11.08 25.33
CA PHE A 138 -3.06 -10.98 24.00
C PHE A 138 -4.09 -9.88 24.15
N CYS A 139 -4.41 -9.18 23.05
CA CYS A 139 -5.32 -8.01 23.08
C CYS A 139 -5.10 -7.15 24.35
N PRO A 140 -4.05 -6.32 24.35
CA PRO A 140 -3.61 -5.48 25.47
C PRO A 140 -4.73 -4.64 26.09
N ASN A 143 -7.71 -4.03 26.72
CA ASN A 143 -8.19 -4.79 27.87
C ASN A 143 -8.67 -3.86 29.00
N GLU A 144 -8.85 -2.58 28.66
CA GLU A 144 -9.40 -1.54 29.55
C GLU A 144 -8.66 -1.36 30.89
N VAL A 145 -9.20 -1.97 31.95
CA VAL A 145 -8.79 -1.75 33.36
C VAL A 145 -8.48 -0.29 33.74
N ASN A 146 -7.38 -0.06 34.46
CA ASN A 146 -7.02 1.28 34.94
C ASN A 146 -5.71 1.81 34.36
N PRO A 147 -5.60 3.15 34.21
CA PRO A 147 -4.31 3.79 33.92
C PRO A 147 -3.41 3.85 35.15
N GLY A 148 -2.11 3.69 34.95
CA GLY A 148 -1.14 3.62 36.05
C GLY A 148 -0.34 2.33 36.03
N GLU A 149 -1.01 1.21 35.75
CA GLU A 149 -0.35 -0.09 35.54
C GLU A 149 0.62 0.00 34.38
N THR A 150 1.76 -0.68 34.47
CA THR A 150 2.75 -0.66 33.39
C THR A 150 2.59 -1.79 32.37
N GLN A 151 1.68 -2.73 32.63
CA GLN A 151 1.36 -3.79 31.70
C GLN A 151 0.79 -3.25 30.38
N ASP A 152 1.27 -3.80 29.27
CA ASP A 152 0.91 -3.39 27.92
C ASP A 152 1.12 -1.89 27.64
N THR A 153 2.20 -1.35 28.19
CA THR A 153 2.60 0.03 27.92
C THR A 153 4.02 0.10 27.41
N SER A 154 4.34 1.25 26.81
CA SER A 154 5.69 1.56 26.41
C SER A 154 5.81 3.06 26.47
N THR A 155 6.88 3.60 25.89
CA THR A 155 7.07 5.04 25.83
C THR A 155 7.38 5.46 24.41
N ALA A 156 7.13 6.74 24.09
CA ALA A 156 7.45 7.25 22.76
C ALA A 156 8.92 6.96 22.40
N ARG A 157 9.84 7.19 23.34
CA ARG A 157 11.27 6.94 23.10
C ARG A 157 11.54 5.47 22.79
N ALA A 158 10.91 4.56 23.53
CA ALA A 158 11.22 3.13 23.40
C ALA A 158 10.64 2.56 22.12
N LEU A 159 9.43 3.00 21.74
CA LEU A 159 8.80 2.56 20.49
C LEU A 159 9.58 3.05 19.27
N VAL A 160 10.09 4.28 19.33
CA VAL A 160 10.95 4.83 18.27
C VAL A 160 12.22 3.97 18.15
N THR A 161 12.88 3.75 19.30
CA THR A 161 14.12 3.00 19.31
C THR A 161 13.91 1.56 18.79
N SER A 162 12.84 0.90 19.23
CA SER A 162 12.53 -0.46 18.77
C SER A 162 12.09 -0.56 17.31
N LEU A 163 11.27 0.41 16.87
CA LEU A 163 10.88 0.47 15.45
C LEU A 163 12.11 0.68 14.56
N ARG A 164 12.95 1.65 14.91
CA ARG A 164 14.21 1.87 14.20
C ARG A 164 15.08 0.61 14.12
N ALA A 165 15.23 -0.10 15.23
CA ALA A 165 16.03 -1.32 15.31
C ALA A 165 15.62 -2.33 14.25
N PHE A 166 14.30 -2.56 14.13
CA PHE A 166 13.77 -3.57 13.23
C PHE A 166 13.78 -3.07 11.81
N ALA A 167 13.28 -1.85 11.62
CA ALA A 167 13.00 -1.35 10.28
C ALA A 167 14.20 -0.74 9.57
N LEU A 168 15.16 -0.20 10.32
CA LEU A 168 16.22 0.57 9.67
C LEU A 168 17.64 0.19 10.04
N GLU A 169 17.81 -0.42 11.21
CA GLU A 169 19.13 -0.86 11.65
C GLU A 169 19.32 -2.33 11.32
N ASP A 170 19.95 -3.09 12.21
CA ASP A 170 20.43 -4.42 11.85
C ASP A 170 19.74 -5.60 12.50
N LYS A 171 18.54 -5.40 13.05
CA LYS A 171 17.88 -6.49 13.74
C LYS A 171 17.21 -7.48 12.79
N LEU A 172 17.05 -7.09 11.53
CA LEU A 172 16.52 -7.98 10.49
C LEU A 172 17.41 -7.93 9.26
N PRO A 173 17.48 -9.04 8.52
CA PRO A 173 18.22 -9.02 7.26
C PRO A 173 17.42 -8.20 6.26
N SER A 174 18.09 -7.66 5.25
CA SER A 174 17.47 -6.65 4.39
C SER A 174 16.15 -7.05 3.70
N GLU A 175 16.04 -8.31 3.24
CA GLU A 175 14.80 -8.74 2.58
C GLU A 175 13.58 -8.72 3.51
N LYS A 176 13.81 -9.06 4.77
CA LYS A 176 12.75 -9.07 5.76
C LYS A 176 12.42 -7.65 6.22
N ARG A 177 13.47 -6.83 6.33
CA ARG A 177 13.36 -5.40 6.60
C ARG A 177 12.43 -4.75 5.55
N GLU A 178 12.63 -5.14 4.28
CA GLU A 178 11.87 -4.66 3.13
C GLU A 178 10.37 -4.99 3.27
N LEU A 179 10.07 -6.22 3.67
CA LEU A 179 8.68 -6.65 3.89
C LEU A 179 7.99 -5.77 4.95
N LEU A 180 8.65 -5.61 6.09
CA LEU A 180 8.06 -4.84 7.20
C LEU A 180 7.78 -3.41 6.75
N ILE A 181 8.77 -2.80 6.11
CA ILE A 181 8.65 -1.41 5.67
C ILE A 181 7.50 -1.24 4.66
N ASP A 182 7.41 -2.18 3.73
CA ASP A 182 6.39 -2.10 2.69
C ASP A 182 5.00 -2.23 3.29
N TRP A 183 4.79 -3.21 4.15
CA TRP A 183 3.47 -3.32 4.81
C TRP A 183 3.09 -2.03 5.51
N MET A 184 4.04 -1.44 6.26
CA MET A 184 3.77 -0.22 7.00
C MET A 184 3.54 1.00 6.08
N LYS A 185 4.30 1.06 5.00
CA LYS A 185 4.08 2.12 4.00
C LYS A 185 2.68 2.08 3.43
N ARG A 186 2.14 0.88 3.28
CA ARG A 186 0.80 0.68 2.70
C ARG A 186 -0.29 0.49 3.74
N ASN A 187 0.01 0.85 4.99
CA ASN A 187 -1.06 0.95 6.00
C ASN A 187 -2.30 1.71 5.51
N THR A 188 -3.49 1.15 5.80
CA THR A 188 -4.75 1.79 5.42
C THR A 188 -5.37 2.63 6.56
N THR A 189 -4.82 2.52 7.77
CA THR A 189 -5.50 3.03 8.98
C THR A 189 -5.04 4.39 9.54
N GLY A 190 -4.01 5.00 8.95
CA GLY A 190 -3.38 6.20 9.51
C GLY A 190 -3.42 7.45 8.64
N ASP A 191 -4.39 7.52 7.73
CA ASP A 191 -4.47 8.64 6.79
C ASP A 191 -4.61 9.98 7.50
N ALA A 192 -5.24 10.00 8.68
CA ALA A 192 -5.58 11.27 9.34
C ALA A 192 -4.63 11.57 10.49
N LEU A 193 -3.59 10.76 10.62
CA LEU A 193 -2.66 10.86 11.73
C LEU A 193 -1.31 11.42 11.27
N ILE A 194 -0.22 10.70 11.51
CA ILE A 194 1.11 11.21 11.13
C ILE A 194 1.16 11.59 9.64
N ARG A 195 0.52 10.80 8.79
CA ARG A 195 0.52 11.09 7.35
C ARG A 195 -0.06 12.45 7.04
N ALA A 196 -1.03 12.89 7.84
CA ALA A 196 -1.70 14.18 7.62
C ALA A 196 -0.89 15.38 8.10
N GLY A 197 0.23 15.11 8.76
CA GLY A 197 1.09 16.14 9.32
C GLY A 197 2.42 16.23 8.62
N VAL A 198 2.59 15.47 7.55
CA VAL A 198 3.86 15.36 6.84
C VAL A 198 3.73 16.05 5.47
N PRO A 199 4.82 16.65 4.94
CA PRO A 199 4.67 17.26 3.61
C PRO A 199 4.23 16.29 2.51
N ASP A 200 3.42 16.76 1.56
CA ASP A 200 2.99 15.88 0.46
C ASP A 200 4.17 15.33 -0.36
N GLY A 201 3.94 14.17 -0.96
CA GLY A 201 4.97 13.45 -1.69
C GLY A 201 5.98 12.67 -0.85
N TRP A 202 6.03 12.91 0.46
CA TRP A 202 7.01 12.28 1.35
C TRP A 202 6.47 10.94 1.87
N GLU A 203 7.22 9.86 1.60
CA GLU A 203 6.77 8.50 1.90
C GLU A 203 6.69 8.29 3.41
N VAL A 204 5.63 7.62 3.88
CA VAL A 204 5.49 7.38 5.32
C VAL A 204 5.17 5.90 5.54
N ALA A 205 5.87 5.29 6.50
CA ALA A 205 5.51 3.96 6.98
C ALA A 205 4.98 4.11 8.41
N ASP A 206 3.75 3.67 8.68
CA ASP A 206 3.20 3.84 10.05
C ASP A 206 2.37 2.66 10.57
N LYS A 207 2.12 2.64 11.88
CA LYS A 207 1.18 1.71 12.54
C LYS A 207 0.47 2.53 13.63
N THR A 208 -0.85 2.45 13.59
CA THR A 208 -1.73 3.21 14.47
C THR A 208 -2.12 2.39 15.69
N GLY A 209 -2.61 3.05 16.60
CA GLY A 209 -3.29 2.33 17.64
C GLY A 209 -4.38 3.20 18.21
N ALA A 210 -5.29 2.56 18.90
CA ALA A 210 -6.38 3.23 19.54
C ALA A 210 -6.82 2.37 20.67
N ALA A 211 -7.30 3.02 21.78
CA ALA A 211 -7.74 2.36 22.96
C ALA A 211 -8.46 3.31 23.92
N SER A 212 -9.32 3.01 24.86
CA SER A 212 -10.28 3.64 25.81
C SER A 212 -9.52 4.57 26.75
N TYR A 213 -10.09 5.44 27.53
CA TYR A 213 -9.29 6.54 27.93
C TYR A 213 -8.74 7.36 26.77
N GLY A 214 -9.44 7.37 25.68
CA GLY A 214 -9.11 8.22 24.56
C GLY A 214 -7.68 8.06 24.04
N THR A 215 -7.16 6.87 24.13
CA THR A 215 -5.79 6.57 23.67
C THR A 215 -5.76 6.53 22.16
N ARG A 216 -4.81 7.26 21.60
CA ARG A 216 -4.67 7.36 20.15
C ARG A 216 -3.19 7.56 19.86
N ASN A 217 -2.64 6.60 19.12
CA ASN A 217 -1.21 6.45 18.90
C ASN A 217 -0.91 6.29 17.42
N ASP A 218 0.30 6.69 17.04
CA ASP A 218 0.82 6.39 15.72
C ASP A 218 2.34 6.40 15.85
N ILE A 219 2.97 5.37 15.30
CA ILE A 219 4.41 5.31 15.18
C ILE A 219 4.76 5.20 13.71
N ALA A 220 5.87 5.80 13.32
CA ALA A 220 6.10 5.98 11.89
C ALA A 220 7.56 6.20 11.54
N ILE A 221 7.87 5.91 10.29
CA ILE A 221 9.13 6.30 9.68
C ILE A 221 8.74 7.19 8.51
N ILE A 222 9.41 8.33 8.39
CA ILE A 222 9.07 9.34 7.42
C ILE A 222 10.33 9.63 6.60
N TRP A 223 10.25 9.46 5.28
CA TRP A 223 11.40 9.67 4.41
C TRP A 223 11.29 11.02 3.72
N PRO A 224 12.30 11.90 3.93
CA PRO A 224 12.31 13.02 3.03
C PRO A 224 12.59 12.52 1.62
N PRO A 225 12.12 13.42 0.42
CA PRO A 225 12.55 13.06 -0.92
C PRO A 225 13.95 12.43 -0.93
N LYS A 226 14.88 13.17 -0.50
CA LYS A 226 16.24 12.64 -0.38
C LYS A 226 16.79 12.93 1.02
N GLY A 227 17.59 12.00 1.53
CA GLY A 227 18.14 12.12 2.87
C GLY A 227 17.63 11.04 3.79
N ASP A 228 18.15 11.03 5.02
CA ASP A 228 17.83 9.97 5.97
C ASP A 228 16.43 10.17 6.61
N PRO A 229 15.77 9.06 6.95
CA PRO A 229 14.43 9.18 7.52
C PRO A 229 14.34 9.74 8.95
N VAL A 230 13.15 10.23 9.30
CA VAL A 230 12.83 10.54 10.67
C VAL A 230 11.99 9.37 11.23
N VAL A 231 12.26 8.98 12.48
CA VAL A 231 11.38 8.03 13.20
C VAL A 231 10.67 8.77 14.33
N LEU A 232 9.34 8.59 14.38
CA LEU A 232 8.47 9.40 15.23
C LEU A 232 7.50 8.48 15.94
N ALA A 233 7.27 8.75 17.22
CA ALA A 233 6.13 8.19 17.90
C ALA A 233 5.33 9.34 18.50
N VAL A 234 4.02 9.32 18.25
CA VAL A 234 3.05 10.25 18.83
C VAL A 234 2.00 9.43 19.57
N LEU A 235 2.01 9.56 20.89
CA LEU A 235 1.15 8.81 21.76
C LEU A 235 0.26 9.82 22.50
N SER A 236 -0.96 9.42 22.80
CA SER A 236 -1.89 10.30 23.50
C SER A 236 -2.91 9.52 24.32
N SER A 237 -3.39 10.13 25.39
CA SER A 237 -4.46 9.56 26.20
C SER A 237 -5.26 10.67 26.89
N ARG A 238 -6.40 10.29 27.41
CA ARG A 238 -7.31 11.20 28.09
C ARG A 238 -7.72 10.57 29.44
N ASP A 239 -8.26 11.36 30.36
CA ASP A 239 -8.46 10.84 31.73
C ASP A 239 -9.73 10.02 31.98
N LYS A 240 -10.70 10.09 31.07
CA LYS A 240 -11.94 9.32 31.21
C LYS A 240 -11.96 8.05 30.34
N LYS A 241 -12.35 6.93 30.95
CA LYS A 241 -12.46 5.64 30.27
C LYS A 241 -13.29 5.68 28.97
N ASP A 242 -14.37 6.47 28.97
CA ASP A 242 -15.29 6.55 27.82
C ASP A 242 -14.91 7.62 26.79
N ALA A 243 -13.89 8.41 27.10
CA ALA A 243 -13.46 9.50 26.24
C ALA A 243 -13.07 8.93 24.88
N LYS A 244 -13.51 9.61 23.83
CA LYS A 244 -13.09 9.26 22.48
C LYS A 244 -11.86 10.09 22.15
N TYR A 245 -11.32 9.95 20.95
CA TYR A 245 -10.12 10.69 20.61
C TYR A 245 -10.39 11.57 19.40
N ASP A 246 -9.42 12.41 19.08
CA ASP A 246 -9.48 13.18 17.86
C ASP A 246 -8.14 13.03 17.13
N ASP A 247 -8.18 12.37 15.98
CA ASP A 247 -7.05 12.17 15.05
C ASP A 247 -6.26 13.42 14.77
N LYS A 248 -6.96 14.55 14.74
CA LYS A 248 -6.33 15.83 14.45
C LYS A 248 -5.23 16.17 15.46
N LEU A 249 -5.36 15.67 16.70
CA LEU A 249 -4.30 15.88 17.70
C LEU A 249 -2.96 15.37 17.17
N ILE A 250 -2.99 14.16 16.61
CA ILE A 250 -1.78 13.49 16.12
C ILE A 250 -1.20 14.15 14.88
N ALA A 251 -2.08 14.54 13.96
CA ALA A 251 -1.68 15.29 12.77
C ALA A 251 -1.01 16.61 13.14
N GLU A 252 -1.62 17.36 14.07
CA GLU A 252 -1.07 18.66 14.49
C GLU A 252 0.24 18.48 15.25
N ALA A 253 0.29 17.48 16.12
CA ALA A 253 1.53 17.16 16.84
C ALA A 253 2.66 16.86 15.86
N THR A 254 2.33 16.14 14.78
CA THR A 254 3.31 15.80 13.75
C THR A 254 3.82 17.07 13.05
N LYS A 255 2.92 18.02 12.77
CA LYS A 255 3.32 19.29 12.15
C LYS A 255 4.32 20.03 13.05
N VAL A 256 4.05 20.04 14.36
CA VAL A 256 4.95 20.67 15.34
C VAL A 256 6.33 20.03 15.27
N VAL A 257 6.37 18.69 15.29
CA VAL A 257 7.63 17.94 15.17
C VAL A 257 8.39 18.28 13.89
N MET A 258 7.72 18.22 12.75
CA MET A 258 8.36 18.50 11.47
C MET A 258 8.92 19.93 11.43
N LYS A 259 8.16 20.88 12.00
CA LYS A 259 8.63 22.28 12.04
C LYS A 259 9.89 22.42 12.90
N ALA A 260 9.89 21.74 14.06
CA ALA A 260 11.03 21.77 14.97
C ALA A 260 12.30 21.09 14.40
N LEU A 261 12.12 20.16 13.46
CA LEU A 261 13.25 19.47 12.82
C LEU A 261 13.66 20.07 11.47
N ASN A 262 12.69 20.61 10.72
CA ASN A 262 12.96 21.08 9.35
C ASN A 262 13.60 22.46 9.34
N ASP B 7 -28.08 4.86 -16.86
CA ASP B 7 -28.48 4.99 -15.44
C ASP B 7 -27.32 5.58 -14.62
N ASP B 8 -26.72 4.76 -13.77
CA ASP B 8 -25.79 5.29 -12.79
C ASP B 8 -24.46 5.73 -13.40
N PHE B 9 -24.01 5.10 -14.48
CA PHE B 9 -22.74 5.53 -15.11
C PHE B 9 -22.87 6.90 -15.77
N ALA B 10 -23.99 7.13 -16.46
CA ALA B 10 -24.28 8.43 -17.03
C ALA B 10 -24.38 9.51 -15.92
N LYS B 11 -24.93 9.15 -14.78
CA LYS B 11 -25.04 10.10 -13.66
C LYS B 11 -23.67 10.49 -13.15
N LEU B 12 -22.77 9.50 -13.06
CA LEU B 12 -21.37 9.76 -12.68
C LEU B 12 -20.61 10.66 -13.65
N GLU B 13 -20.83 10.44 -14.94
CA GLU B 13 -20.24 11.28 -15.95
C GLU B 13 -20.64 12.73 -15.76
N GLU B 14 -21.92 12.94 -15.46
CA GLU B 14 -22.38 14.30 -15.20
C GLU B 14 -21.86 14.83 -13.87
N GLN B 15 -21.88 13.99 -12.84
CA GLN B 15 -21.44 14.36 -11.50
C GLN B 15 -19.97 14.82 -11.43
N PHE B 16 -19.14 14.23 -12.28
CA PHE B 16 -17.71 14.46 -12.23
C PHE B 16 -17.15 15.14 -13.48
N ASP B 17 -18.06 15.65 -14.32
CA ASP B 17 -17.72 16.33 -15.58
C ASP B 17 -16.71 15.51 -16.41
N ALA B 18 -16.99 14.21 -16.55
CA ALA B 18 -16.05 13.32 -17.21
C ALA B 18 -16.73 12.32 -18.14
N LYS B 19 -15.91 11.65 -18.94
CA LYS B 19 -16.34 10.54 -19.78
C LYS B 19 -15.77 9.25 -19.17
N LEU B 20 -16.62 8.22 -19.04
CA LEU B 20 -16.24 6.94 -18.43
C LEU B 20 -16.19 5.82 -19.45
N GLY B 21 -15.20 4.94 -19.33
CA GLY B 21 -15.15 3.70 -20.09
C GLY B 21 -14.97 2.55 -19.09
N ILE B 22 -15.91 1.61 -19.10
CA ILE B 22 -16.02 0.57 -18.07
C ILE B 22 -16.27 -0.79 -18.70
N PHE B 23 -15.48 -1.77 -18.25
CA PHE B 23 -15.73 -3.16 -18.57
C PHE B 23 -15.32 -3.98 -17.38
N ALA B 24 -16.23 -4.83 -16.93
CA ALA B 24 -15.98 -5.72 -15.81
C ALA B 24 -16.46 -7.11 -16.18
N LEU B 25 -15.63 -8.11 -15.90
CA LEU B 25 -15.97 -9.51 -16.12
C LEU B 25 -15.90 -10.32 -14.82
N ASP B 26 -16.97 -11.01 -14.43
CA ASP B 26 -16.90 -11.95 -13.30
C ASP B 26 -16.45 -13.30 -13.88
N THR B 27 -15.24 -13.73 -13.53
CA THR B 27 -14.61 -14.90 -14.14
C THR B 27 -15.24 -16.21 -13.68
N GLY B 28 -16.04 -16.17 -12.62
CA GLY B 28 -16.82 -17.35 -12.24
C GLY B 28 -18.02 -17.58 -13.17
N THR B 29 -18.86 -16.56 -13.28
CA THR B 29 -20.16 -16.63 -13.96
C THR B 29 -20.17 -16.18 -15.43
N ASN B 30 -19.10 -15.50 -15.86
CA ASN B 30 -19.00 -14.84 -17.17
C ASN B 30 -19.95 -13.64 -17.36
N ARG B 31 -20.55 -13.20 -16.26
CA ARG B 31 -21.37 -12.01 -16.29
C ARG B 31 -20.49 -10.76 -16.39
N THR B 32 -21.06 -9.70 -16.90
CA THR B 32 -20.32 -8.62 -17.42
C THR B 32 -21.06 -7.32 -17.05
N VAL B 33 -20.31 -6.28 -16.75
CA VAL B 33 -20.82 -4.93 -16.69
C VAL B 33 -20.03 -3.96 -17.57
N ALA B 34 -20.66 -3.28 -18.43
CA ALA B 34 -19.98 -2.55 -19.52
C ALA B 34 -20.59 -1.17 -19.69
N TYR B 35 -19.94 -0.16 -20.05
CA TYR B 35 -20.40 1.19 -20.36
C TYR B 35 -19.33 1.83 -21.22
N ARG B 36 -19.67 2.10 -22.43
CA ARG B 36 -18.68 2.54 -23.42
C ARG B 36 -17.44 1.62 -23.43
N PRO B 37 -17.64 0.28 -23.37
CA PRO B 37 -16.51 -0.62 -23.14
C PRO B 37 -15.54 -0.70 -24.32
N ASP B 38 -15.98 -0.23 -25.49
CA ASP B 38 -15.23 -0.30 -26.73
C ASP B 38 -14.80 1.08 -27.24
N GLU B 39 -14.97 2.10 -26.38
CA GLU B 39 -14.53 3.46 -26.69
C GLU B 39 -13.05 3.59 -26.36
N ARG B 40 -12.27 4.16 -27.27
CA ARG B 40 -10.83 4.34 -27.03
C ARG B 40 -10.56 5.46 -26.03
N PHE B 41 -9.68 5.18 -25.08
CA PHE B 41 -9.13 6.14 -24.12
C PHE B 41 -7.61 5.99 -24.17
N ALA B 42 -6.87 7.05 -23.83
CA ALA B 42 -5.44 6.91 -23.59
C ALA B 42 -5.23 5.94 -22.40
N PHE B 43 -4.39 4.92 -22.60
CA PHE B 43 -4.20 3.92 -21.52
C PHE B 43 -3.31 4.41 -20.41
N ALA B 44 -2.51 5.45 -20.73
CA ALA B 44 -1.54 6.01 -19.78
C ALA B 44 -0.74 4.88 -19.06
N SER B 45 -0.52 4.97 -17.76
CA SER B 45 0.41 4.02 -17.11
C SER B 45 -0.13 2.60 -16.92
N THR B 46 -1.37 2.34 -17.29
CA THR B 46 -1.94 1.00 -17.12
C THR B 46 -1.20 -0.01 -18.03
N ILE B 47 -0.57 0.53 -19.08
CA ILE B 47 0.21 -0.28 -20.03
C ILE B 47 1.41 -0.91 -19.35
N LYS B 48 1.84 -0.34 -18.22
CA LYS B 48 2.98 -0.90 -17.49
C LYS B 48 2.72 -2.32 -17.04
N ALA B 49 1.47 -2.62 -16.67
CA ALA B 49 1.11 -4.00 -16.26
C ALA B 49 1.27 -5.01 -17.40
N LEU B 50 0.82 -4.63 -18.60
CA LEU B 50 0.94 -5.48 -19.77
C LEU B 50 2.40 -5.60 -20.22
N THR B 51 3.17 -4.54 -19.99
CA THR B 51 4.59 -4.52 -20.40
C THR B 51 5.39 -5.49 -19.52
N VAL B 52 5.09 -5.50 -18.22
CA VAL B 52 5.70 -6.51 -17.34
C VAL B 52 5.24 -7.92 -17.70
N GLY B 53 3.96 -8.07 -18.08
CA GLY B 53 3.45 -9.37 -18.59
C GLY B 53 4.38 -9.87 -19.69
N VAL B 54 4.67 -9.01 -20.66
CA VAL B 54 5.53 -9.39 -21.78
C VAL B 54 6.97 -9.67 -21.34
N LEU B 55 7.53 -8.77 -20.51
CA LEU B 55 8.86 -8.94 -19.92
C LEU B 55 8.99 -10.34 -19.27
N LEU B 56 7.95 -10.76 -18.54
CA LEU B 56 7.97 -12.05 -17.87
C LEU B 56 7.85 -13.28 -18.80
N GLN B 57 7.36 -13.09 -20.02
CA GLN B 57 7.41 -14.19 -21.03
C GLN B 57 8.83 -14.38 -21.59
N GLN B 58 9.67 -13.36 -21.37
CA GLN B 58 10.94 -13.27 -22.08
C GLN B 58 12.15 -13.38 -21.17
N LYS B 59 12.05 -13.34 -19.59
CA LYS B 59 13.13 -13.31 -18.62
C LYS B 59 12.92 -14.43 -17.63
N SER B 60 13.98 -15.18 -17.37
CA SER B 60 13.95 -16.16 -16.29
C SER B 60 13.92 -15.35 -15.00
N ILE B 61 13.48 -15.97 -13.92
CA ILE B 61 13.48 -15.28 -12.63
C ILE B 61 14.91 -14.88 -12.26
N GLU B 62 15.88 -15.74 -12.55
CA GLU B 62 17.30 -15.41 -12.40
C GLU B 62 17.75 -14.20 -13.20
N ASP B 63 17.32 -14.10 -14.45
CA ASP B 63 17.69 -12.97 -15.31
C ASP B 63 17.08 -11.64 -14.86
N LEU B 64 16.02 -11.70 -14.07
CA LEU B 64 15.47 -10.49 -13.46
C LEU B 64 16.43 -9.90 -12.45
N ASN B 65 17.36 -10.72 -11.97
CA ASN B 65 18.33 -10.28 -10.98
C ASN B 65 19.49 -9.50 -11.59
N GLN B 66 19.54 -9.43 -12.90
CA GLN B 66 20.56 -8.63 -13.62
C GLN B 66 20.49 -7.17 -13.19
N ARG B 67 21.65 -6.59 -12.87
CA ARG B 67 21.72 -5.16 -12.54
C ARG B 67 21.73 -4.36 -13.83
N ILE B 68 20.82 -3.39 -13.91
CA ILE B 68 20.74 -2.46 -15.04
C ILE B 68 21.27 -1.09 -14.61
N THR B 69 22.31 -0.61 -15.29
CA THR B 69 22.86 0.70 -15.01
C THR B 69 22.23 1.68 -15.98
N TYR B 70 22.02 2.89 -15.49
CA TYR B 70 21.41 3.94 -16.29
C TYR B 70 21.98 5.22 -15.73
N THR B 71 21.71 6.34 -16.40
CA THR B 71 22.23 7.61 -15.90
C THR B 71 21.11 8.61 -15.69
N ARG B 72 21.50 9.79 -15.17
CA ARG B 72 20.61 10.95 -15.11
C ARG B 72 19.86 11.19 -16.41
N ASP B 73 20.52 10.88 -17.53
CA ASP B 73 19.99 11.13 -18.87
C ASP B 73 18.78 10.22 -19.19
N ASP B 74 18.63 9.13 -18.43
CA ASP B 74 17.53 8.18 -18.62
C ASP B 74 16.28 8.52 -17.82
N LEU B 75 16.41 9.47 -16.90
CA LEU B 75 15.26 9.94 -16.12
C LEU B 75 14.28 10.74 -17.00
N VAL B 76 12.98 10.63 -16.70
CA VAL B 76 11.96 11.31 -17.47
C VAL B 76 11.15 12.21 -16.53
N ASN B 77 9.84 12.37 -16.76
CA ASN B 77 9.04 13.31 -15.96
C ASN B 77 8.77 12.87 -14.52
N TYR B 78 8.75 11.56 -14.27
CA TYR B 78 8.38 11.03 -12.95
C TYR B 78 9.22 9.80 -12.63
N ASN B 79 10.12 9.95 -11.68
CA ASN B 79 11.12 8.92 -11.38
C ASN B 79 11.24 8.61 -9.89
N PRO B 80 10.13 8.24 -9.24
CA PRO B 80 10.11 8.18 -7.79
C PRO B 80 11.18 7.25 -7.19
N ILE B 81 11.45 6.12 -7.82
CA ILE B 81 12.42 5.17 -7.27
C ILE B 81 13.76 5.29 -8.02
N THR B 82 13.67 5.42 -9.35
CA THR B 82 14.86 5.40 -10.21
C THR B 82 15.74 6.64 -9.99
N GLU B 83 15.14 7.75 -9.56
CA GLU B 83 15.97 8.95 -9.24
C GLU B 83 16.91 8.69 -8.05
N LYS B 84 16.53 7.74 -7.19
CA LYS B 84 17.30 7.38 -5.98
C LYS B 84 18.54 6.53 -6.27
N HIS B 85 18.57 5.84 -7.40
CA HIS B 85 19.57 4.79 -7.59
C HIS B 85 20.40 4.90 -8.86
N VAL B 86 20.50 6.10 -9.40
CA VAL B 86 21.27 6.30 -10.63
C VAL B 86 22.71 5.80 -10.47
N ASP B 87 23.33 6.09 -9.32
CA ASP B 87 24.74 5.74 -9.12
C ASP B 87 25.02 4.24 -8.92
N THR B 88 24.04 3.49 -8.40
CA THR B 88 24.20 2.04 -8.21
C THR B 88 23.53 1.20 -9.30
N GLY B 89 22.66 1.81 -10.10
CA GLY B 89 21.78 1.04 -10.98
C GLY B 89 20.70 0.33 -10.18
N MET B 90 19.83 -0.39 -10.88
CA MET B 90 18.81 -1.20 -10.24
C MET B 90 18.71 -2.53 -10.96
N THR B 91 18.31 -3.58 -10.24
CA THR B 91 18.08 -4.84 -10.91
C THR B 91 16.79 -4.74 -11.73
N LEU B 92 16.62 -5.67 -12.66
CA LEU B 92 15.43 -5.68 -13.52
C LEU B 92 14.19 -5.97 -12.64
N LYS B 93 14.35 -6.86 -11.65
CA LYS B 93 13.25 -7.09 -10.70
C LYS B 93 12.84 -5.79 -9.96
N GLU B 94 13.81 -5.01 -9.49
CA GLU B 94 13.54 -3.73 -8.82
C GLU B 94 12.90 -2.68 -9.73
N LEU B 95 13.28 -2.70 -11.00
CA LEU B 95 12.64 -1.83 -12.02
C LEU B 95 11.16 -2.19 -12.25
N ALA B 96 10.89 -3.50 -12.38
CA ALA B 96 9.51 -4.00 -12.50
C ALA B 96 8.71 -3.57 -11.28
N ASP B 97 9.30 -3.77 -10.10
CA ASP B 97 8.67 -3.34 -8.87
C ASP B 97 8.31 -1.86 -8.89
N ALA B 98 9.29 -1.02 -9.24
CA ALA B 98 9.11 0.42 -9.27
C ALA B 98 8.07 0.83 -10.31
N SER B 99 8.16 0.25 -11.51
CA SER B 99 7.19 0.56 -12.55
C SER B 99 5.76 0.25 -12.09
N LEU B 100 5.56 -0.95 -11.55
CA LEU B 100 4.18 -1.38 -11.19
C LEU B 100 3.61 -0.79 -9.91
N ARG B 101 4.44 -0.68 -8.88
CA ARG B 101 3.96 -0.29 -7.55
C ARG B 101 4.08 1.21 -7.24
N TYR B 102 4.93 1.91 -7.99
CA TYR B 102 5.11 3.36 -7.84
C TYR B 102 4.81 4.12 -9.15
N SER B 103 4.50 3.39 -10.21
CA SER B 103 4.28 3.97 -11.55
C SER B 103 5.49 4.81 -11.97
N ASP B 104 6.68 4.25 -11.77
CA ASP B 104 7.93 4.94 -12.12
C ASP B 104 8.10 4.96 -13.65
N ASN B 105 8.07 6.16 -14.24
CA ASN B 105 8.15 6.24 -15.73
C ASN B 105 9.51 5.83 -16.32
N ALA B 106 10.60 6.16 -15.63
CA ALA B 106 11.96 5.81 -16.09
C ALA B 106 12.14 4.29 -16.08
N ALA B 107 11.61 3.66 -15.03
CA ALA B 107 11.60 2.20 -14.93
C ALA B 107 10.89 1.56 -16.11
N GLN B 108 9.69 2.05 -16.44
CA GLN B 108 8.96 1.57 -17.63
C GLN B 108 9.78 1.73 -18.90
N ASN B 109 10.44 2.86 -19.07
CA ASN B 109 11.32 3.02 -20.23
C ASN B 109 12.43 1.97 -20.34
N LEU B 110 13.13 1.74 -19.23
CA LEU B 110 14.16 0.71 -19.12
C LEU B 110 13.66 -0.71 -19.42
N ILE B 111 12.48 -1.03 -18.90
CA ILE B 111 11.83 -2.33 -19.14
C ILE B 111 11.47 -2.47 -20.62
N LEU B 112 10.91 -1.42 -21.20
CA LEU B 112 10.59 -1.43 -22.63
C LEU B 112 11.80 -1.71 -23.49
N LYS B 113 12.92 -1.08 -23.15
CA LYS B 113 14.21 -1.35 -23.80
C LYS B 113 14.58 -2.82 -23.77
N GLN B 114 14.36 -3.47 -22.63
CA GLN B 114 14.65 -4.91 -22.47
C GLN B 114 13.89 -5.79 -23.46
N ILE B 115 12.67 -5.40 -23.81
CA ILE B 115 11.84 -6.22 -24.69
C ILE B 115 11.85 -5.78 -26.16
N GLY B 116 12.48 -4.64 -26.41
CA GLY B 116 12.60 -4.13 -27.77
C GLY B 116 11.77 -2.91 -28.11
N GLY B 117 11.14 -2.30 -27.10
CA GLY B 117 10.41 -1.05 -27.27
C GLY B 117 8.92 -1.21 -27.59
N PRO B 118 8.20 -0.08 -27.77
CA PRO B 118 6.74 -0.13 -28.03
C PRO B 118 6.34 -0.98 -29.24
N GLU B 119 7.14 -0.95 -30.31
CA GLU B 119 6.88 -1.82 -31.46
C GLU B 119 6.86 -3.31 -31.07
N SER B 120 7.83 -3.71 -30.25
CA SER B 120 7.92 -5.09 -29.79
C SER B 120 6.81 -5.41 -28.79
N LEU B 121 6.48 -4.46 -27.90
CA LEU B 121 5.31 -4.65 -27.03
C LEU B 121 4.05 -4.94 -27.87
N LYS B 122 3.81 -4.12 -28.90
CA LYS B 122 2.63 -4.29 -29.76
C LYS B 122 2.58 -5.68 -30.38
N LYS B 123 3.69 -6.09 -30.98
CA LYS B 123 3.82 -7.44 -31.56
C LYS B 123 3.41 -8.52 -30.56
N GLU B 124 3.91 -8.43 -29.32
CA GLU B 124 3.62 -9.46 -28.31
C GLU B 124 2.19 -9.37 -27.75
N LEU B 125 1.61 -8.17 -27.74
CA LEU B 125 0.18 -8.05 -27.37
C LEU B 125 -0.70 -8.61 -28.48
N ARG B 126 -0.33 -8.36 -29.73
CA ARG B 126 -1.10 -8.96 -30.83
C ARG B 126 -1.10 -10.49 -30.68
N LYS B 127 0.03 -11.03 -30.22
CA LYS B 127 0.17 -12.47 -30.07
C LYS B 127 -0.77 -13.11 -29.06
N ILE B 128 -1.20 -12.35 -28.03
CA ILE B 128 -2.21 -12.87 -27.08
C ILE B 128 -3.66 -12.61 -27.54
N GLY B 129 -3.81 -12.08 -28.75
CA GLY B 129 -5.13 -11.85 -29.31
C GLY B 129 -5.65 -10.42 -29.15
N ASP B 130 -4.79 -9.52 -28.66
CA ASP B 130 -5.15 -8.09 -28.50
C ASP B 130 -4.82 -7.29 -29.74
N GLU B 131 -5.85 -7.02 -30.54
CA GLU B 131 -5.73 -6.23 -31.76
C GLU B 131 -6.11 -4.75 -31.54
N VAL B 132 -6.38 -4.37 -30.29
CA VAL B 132 -6.85 -3.01 -29.99
C VAL B 132 -5.81 -2.10 -29.36
N THR B 133 -5.13 -2.61 -28.33
CA THR B 133 -4.14 -1.83 -27.58
C THR B 133 -3.02 -1.38 -28.51
N ASN B 134 -2.71 -0.11 -28.44
CA ASN B 134 -1.82 0.48 -29.42
C ASN B 134 -0.60 1.21 -28.88
N PRO B 135 0.43 0.46 -28.45
CA PRO B 135 1.61 1.15 -27.92
C PRO B 135 2.35 1.82 -29.06
N GLU B 136 2.73 3.06 -28.86
CA GLU B 136 3.48 3.81 -29.85
C GLU B 136 4.72 4.49 -29.25
N ARG B 137 4.56 5.18 -28.12
CA ARG B 137 5.67 5.89 -27.48
C ARG B 137 6.22 5.16 -26.26
N PHE B 138 7.47 5.42 -25.93
CA PHE B 138 8.06 4.85 -24.72
C PHE B 138 7.33 5.37 -23.49
N CYS B 139 7.07 6.66 -23.50
CA CYS B 139 6.49 7.37 -22.37
C CYS B 139 5.32 8.17 -22.94
N PRO B 140 4.10 7.60 -22.91
CA PRO B 140 2.92 8.24 -23.50
C PRO B 140 2.68 9.63 -22.89
N GLU B 141 2.16 10.54 -23.71
CA GLU B 141 1.85 11.91 -23.31
C GLU B 141 0.66 12.36 -24.14
N LEU B 142 -0.45 12.66 -23.47
CA LEU B 142 -1.72 12.97 -24.14
C LEU B 142 -1.78 14.44 -24.60
N ASN B 143 -1.96 14.66 -25.91
CA ASN B 143 -1.68 15.99 -26.51
C ASN B 143 -2.73 17.12 -26.70
N GLU B 144 -3.88 17.01 -27.41
CA GLU B 144 -4.28 16.07 -28.50
C GLU B 144 -5.19 14.93 -28.11
N VAL B 145 -6.49 15.20 -28.20
CA VAL B 145 -7.53 14.19 -28.00
C VAL B 145 -8.15 13.74 -29.33
N ASN B 146 -7.78 14.42 -30.42
CA ASN B 146 -8.26 14.11 -31.78
C ASN B 146 -8.93 12.73 -31.93
N PRO B 147 -10.27 12.71 -32.07
CA PRO B 147 -11.07 11.48 -32.03
C PRO B 147 -10.65 10.40 -33.04
N GLY B 148 -9.88 10.80 -34.06
CA GLY B 148 -9.38 9.87 -35.06
C GLY B 148 -8.04 9.22 -34.71
N GLU B 149 -7.34 9.78 -33.73
CA GLU B 149 -6.01 9.29 -33.40
C GLU B 149 -6.03 8.22 -32.29
N THR B 150 -5.41 7.08 -32.58
CA THR B 150 -5.50 5.89 -31.73
C THR B 150 -4.16 5.50 -31.10
N GLN B 151 -3.12 6.31 -31.29
CA GLN B 151 -1.82 6.00 -30.69
C GLN B 151 -1.89 6.06 -29.16
N ASP B 152 -1.27 5.06 -28.55
CA ASP B 152 -1.26 4.89 -27.11
C ASP B 152 -2.66 4.86 -26.49
N THR B 153 -3.62 4.32 -27.23
CA THR B 153 -4.98 4.09 -26.71
C THR B 153 -5.30 2.61 -26.64
N SER B 154 -6.28 2.28 -25.82
CA SER B 154 -6.90 0.97 -25.83
C SER B 154 -8.33 1.20 -25.36
N THR B 155 -9.05 0.11 -25.08
CA THR B 155 -10.42 0.20 -24.60
C THR B 155 -10.53 -0.56 -23.28
N ALA B 156 -11.59 -0.28 -22.51
CA ALA B 156 -11.80 -0.98 -21.25
C ALA B 156 -11.87 -2.49 -21.48
N ARG B 157 -12.61 -2.92 -22.52
CA ARG B 157 -12.73 -4.35 -22.82
C ARG B 157 -11.35 -4.99 -23.15
N ALA B 158 -10.53 -4.35 -23.98
CA ALA B 158 -9.24 -4.93 -24.39
C ALA B 158 -8.32 -5.05 -23.18
N LEU B 159 -8.31 -3.99 -22.37
CA LEU B 159 -7.39 -3.95 -21.23
C LEU B 159 -7.76 -5.05 -20.23
N VAL B 160 -9.05 -5.25 -19.96
CA VAL B 160 -9.40 -6.39 -19.09
C VAL B 160 -9.05 -7.73 -19.71
N THR B 161 -9.29 -7.88 -21.02
CA THR B 161 -9.01 -9.14 -21.71
C THR B 161 -7.52 -9.47 -21.65
N SER B 162 -6.69 -8.45 -21.93
CA SER B 162 -5.24 -8.64 -21.89
C SER B 162 -4.71 -8.82 -20.47
N LEU B 163 -5.20 -8.04 -19.51
CA LEU B 163 -4.83 -8.23 -18.10
C LEU B 163 -5.15 -9.64 -17.62
N ARG B 164 -6.38 -10.07 -17.88
CA ARG B 164 -6.76 -11.42 -17.50
C ARG B 164 -5.85 -12.51 -18.11
N ALA B 165 -5.47 -12.34 -19.39
CA ALA B 165 -4.64 -13.33 -20.09
C ALA B 165 -3.30 -13.53 -19.37
N PHE B 166 -2.65 -12.42 -18.97
CA PHE B 166 -1.35 -12.50 -18.28
C PHE B 166 -1.48 -12.93 -16.83
N ALA B 167 -2.44 -12.33 -16.13
CA ALA B 167 -2.49 -12.47 -14.67
C ALA B 167 -3.30 -13.64 -14.14
N LEU B 168 -4.23 -14.14 -14.95
CA LEU B 168 -5.15 -15.18 -14.46
C LEU B 168 -5.21 -16.43 -15.36
N GLU B 169 -5.05 -16.24 -16.66
CA GLU B 169 -5.04 -17.37 -17.59
C GLU B 169 -3.61 -17.90 -17.74
N ASP B 170 -3.24 -18.40 -18.91
CA ASP B 170 -1.99 -19.17 -19.06
C ASP B 170 -0.95 -18.54 -19.95
N LYS B 171 -0.94 -17.21 -20.10
CA LYS B 171 0.11 -16.57 -20.90
C LYS B 171 1.46 -16.46 -20.17
N LEU B 172 1.45 -16.69 -18.85
CA LEU B 172 2.67 -16.76 -18.05
C LEU B 172 2.73 -18.11 -17.31
N PRO B 173 3.96 -18.65 -17.08
CA PRO B 173 4.09 -19.83 -16.22
C PRO B 173 3.79 -19.39 -14.80
N SER B 174 3.29 -20.32 -13.99
CA SER B 174 2.73 -19.95 -12.68
C SER B 174 3.69 -19.17 -11.77
N GLU B 175 4.97 -19.50 -11.78
CA GLU B 175 5.92 -18.84 -10.89
C GLU B 175 6.00 -17.34 -11.22
N LYS B 176 6.02 -17.04 -12.51
CA LYS B 176 6.13 -15.65 -12.95
C LYS B 176 4.80 -14.93 -12.82
N ARG B 177 3.72 -15.67 -13.10
CA ARG B 177 2.36 -15.17 -12.88
C ARG B 177 2.19 -14.70 -11.42
N GLU B 178 2.79 -15.44 -10.48
CA GLU B 178 2.74 -15.08 -9.06
C GLU B 178 3.46 -13.76 -8.78
N LEU B 179 4.57 -13.49 -9.49
CA LEU B 179 5.27 -12.20 -9.34
C LEU B 179 4.42 -11.01 -9.79
N LEU B 180 3.76 -11.15 -10.94
CA LEU B 180 2.89 -10.10 -11.47
C LEU B 180 1.75 -9.81 -10.51
N ILE B 181 1.11 -10.85 -10.01
CA ILE B 181 -0.01 -10.66 -9.07
C ILE B 181 0.49 -10.01 -7.79
N ASP B 182 1.61 -10.49 -7.26
CA ASP B 182 2.18 -9.88 -6.03
C ASP B 182 2.47 -8.39 -6.19
N TRP B 183 3.13 -8.01 -7.28
CA TRP B 183 3.47 -6.60 -7.48
C TRP B 183 2.21 -5.78 -7.56
N MET B 184 1.27 -6.22 -8.39
CA MET B 184 -0.01 -5.52 -8.52
C MET B 184 -0.85 -5.43 -7.25
N LYS B 185 -0.89 -6.51 -6.48
CA LYS B 185 -1.51 -6.50 -5.14
C LYS B 185 -0.94 -5.43 -4.23
N ARG B 186 0.37 -5.22 -4.30
CA ARG B 186 1.06 -4.28 -3.41
C ARG B 186 1.33 -2.92 -4.06
N ASN B 187 0.55 -2.59 -5.09
CA ASN B 187 0.61 -1.24 -5.67
C ASN B 187 0.36 -0.14 -4.62
N THR B 188 1.12 0.95 -4.68
CA THR B 188 0.94 2.10 -3.77
C THR B 188 0.11 3.27 -4.32
N THR B 189 -0.17 3.27 -5.62
CA THR B 189 -0.72 4.47 -6.29
C THR B 189 -2.27 4.48 -6.46
N GLY B 190 -2.94 3.41 -6.05
CA GLY B 190 -4.36 3.27 -6.29
C GLY B 190 -5.28 3.19 -5.09
N ASP B 191 -4.84 3.74 -3.96
CA ASP B 191 -5.63 3.63 -2.73
C ASP B 191 -7.04 4.23 -2.85
N ALA B 192 -7.20 5.26 -3.68
CA ALA B 192 -8.46 6.06 -3.75
C ALA B 192 -9.32 5.68 -4.97
N LEU B 193 -8.87 4.66 -5.69
CA LEU B 193 -9.50 4.27 -6.94
C LEU B 193 -10.34 2.98 -6.75
N ILE B 194 -10.04 1.95 -7.52
CA ILE B 194 -10.81 0.69 -7.46
C ILE B 194 -10.82 0.12 -6.02
N ARG B 195 -9.66 0.18 -5.35
CA ARG B 195 -9.55 -0.25 -3.94
C ARG B 195 -10.57 0.44 -3.05
N ALA B 196 -10.86 1.70 -3.34
CA ALA B 196 -11.77 2.46 -2.49
C ALA B 196 -13.25 2.12 -2.76
N GLY B 197 -13.49 1.32 -3.82
CA GLY B 197 -14.85 0.99 -4.26
C GLY B 197 -15.30 -0.45 -3.98
N VAL B 198 -14.48 -1.17 -3.23
CA VAL B 198 -14.73 -2.58 -2.84
C VAL B 198 -14.64 -2.68 -1.29
N PRO B 199 -15.34 -3.64 -0.65
CA PRO B 199 -15.27 -3.68 0.83
C PRO B 199 -13.89 -4.13 1.34
N ASP B 200 -13.58 -3.89 2.63
CA ASP B 200 -12.39 -4.49 3.25
C ASP B 200 -12.51 -6.02 3.18
N GLY B 201 -11.38 -6.69 2.99
CA GLY B 201 -11.38 -8.15 2.94
C GLY B 201 -11.45 -8.61 1.52
N TRP B 202 -11.64 -7.65 0.60
CA TRP B 202 -11.63 -7.96 -0.81
C TRP B 202 -10.25 -7.54 -1.31
N GLU B 203 -9.51 -8.54 -1.74
CA GLU B 203 -8.13 -8.36 -2.20
C GLU B 203 -8.16 -7.68 -3.57
N VAL B 204 -7.24 -6.76 -3.85
CA VAL B 204 -7.21 -6.08 -5.14
C VAL B 204 -5.76 -6.00 -5.63
N ALA B 205 -5.56 -6.36 -6.89
CA ALA B 205 -4.32 -6.10 -7.64
C ALA B 205 -4.67 -5.07 -8.72
N ASP B 206 -3.96 -3.95 -8.78
CA ASP B 206 -4.31 -2.91 -9.73
C ASP B 206 -3.10 -2.20 -10.28
N LYS B 207 -3.31 -1.52 -11.41
CA LYS B 207 -2.35 -0.59 -12.00
C LYS B 207 -3.12 0.63 -12.47
N THR B 208 -2.63 1.79 -12.02
CA THR B 208 -3.29 3.07 -12.24
C THR B 208 -2.72 3.78 -13.48
N GLY B 209 -3.41 4.84 -13.88
CA GLY B 209 -2.83 5.76 -14.85
C GLY B 209 -3.42 7.14 -14.66
N ALA B 210 -2.68 8.15 -15.09
CA ALA B 210 -3.17 9.50 -15.11
C ALA B 210 -2.46 10.22 -16.26
N ALA B 211 -3.10 11.32 -16.82
CA ALA B 211 -2.58 12.06 -17.93
C ALA B 211 -3.45 13.30 -18.00
N SER B 212 -2.92 14.19 -19.12
CA SER B 212 -3.72 15.38 -19.36
C SER B 212 -5.16 15.05 -19.75
N TYR B 213 -5.97 16.14 -20.08
CA TYR B 213 -7.41 15.95 -20.31
C TYR B 213 -8.09 15.12 -19.21
N GLY B 214 -7.72 15.41 -17.96
CA GLY B 214 -8.28 14.78 -16.77
C GLY B 214 -8.38 13.27 -16.89
N THR B 215 -7.36 12.66 -17.48
CA THR B 215 -7.35 11.22 -17.70
C THR B 215 -6.98 10.53 -16.39
N ARG B 216 -7.81 9.59 -15.99
CA ARG B 216 -7.60 8.88 -14.74
C ARG B 216 -8.14 7.45 -14.92
N ASN B 217 -7.25 6.47 -14.86
CA ASN B 217 -7.54 5.09 -15.19
C ASN B 217 -7.13 4.16 -14.03
N ASP B 218 -7.80 3.02 -13.93
CA ASP B 218 -7.38 1.97 -13.04
C ASP B 218 -7.85 0.65 -13.65
N ILE B 219 -6.94 -0.32 -13.70
CA ILE B 219 -7.29 -1.66 -14.15
C ILE B 219 -6.93 -2.59 -13.00
N ALA B 220 -7.77 -3.58 -12.75
CA ALA B 220 -7.62 -4.36 -11.55
C ALA B 220 -8.18 -5.78 -11.67
N ILE B 221 -7.67 -6.64 -10.79
CA ILE B 221 -8.30 -7.91 -10.43
C ILE B 221 -8.76 -7.77 -8.98
N ILE B 222 -9.98 -8.25 -8.69
CA ILE B 222 -10.59 -8.13 -7.38
C ILE B 222 -11.03 -9.54 -6.99
N TRP B 223 -10.59 -9.99 -5.82
CA TRP B 223 -10.97 -11.28 -5.29
C TRP B 223 -12.02 -11.15 -4.18
N PRO B 224 -13.22 -11.71 -4.42
CA PRO B 224 -14.23 -11.73 -3.38
C PRO B 224 -13.72 -12.64 -2.29
N PRO B 225 -13.84 -12.79 -1.03
CA PRO B 225 -13.36 -13.74 -0.03
C PRO B 225 -13.59 -15.19 -0.40
N LYS B 226 -14.72 -15.50 -1.02
CA LYS B 226 -15.04 -16.76 -1.70
C LYS B 226 -15.35 -16.57 -3.18
N GLY B 227 -14.69 -17.34 -4.01
CA GLY B 227 -15.06 -17.39 -5.43
C GLY B 227 -14.07 -16.76 -6.38
N ASP B 228 -14.46 -16.69 -7.64
CA ASP B 228 -13.56 -16.33 -8.71
C ASP B 228 -13.42 -14.80 -8.82
N PRO B 229 -12.24 -14.35 -9.25
CA PRO B 229 -12.04 -12.90 -9.30
C PRO B 229 -12.86 -12.21 -10.38
N VAL B 230 -13.00 -10.90 -10.22
CA VAL B 230 -13.56 -10.03 -11.20
C VAL B 230 -12.39 -9.26 -11.82
N VAL B 231 -12.40 -9.06 -13.13
CA VAL B 231 -11.38 -8.19 -13.68
C VAL B 231 -12.04 -6.97 -14.29
N LEU B 232 -11.49 -5.80 -14.00
CA LEU B 232 -12.19 -4.54 -14.25
C LEU B 232 -11.23 -3.48 -14.78
N ALA B 233 -11.69 -2.71 -15.77
CA ALA B 233 -11.00 -1.49 -16.19
C ALA B 233 -12.00 -0.35 -16.02
N VAL B 234 -11.56 0.71 -15.34
CA VAL B 234 -12.30 1.99 -15.34
C VAL B 234 -11.38 3.05 -15.95
N LEU B 235 -11.80 3.59 -17.10
CA LEU B 235 -11.05 4.62 -17.81
C LEU B 235 -11.86 5.90 -17.75
N SER B 236 -11.19 7.05 -17.68
CA SER B 236 -11.92 8.32 -17.68
C SER B 236 -11.09 9.44 -18.28
N SER B 237 -11.78 10.44 -18.78
CA SER B 237 -11.14 11.62 -19.35
C SER B 237 -12.09 12.81 -19.28
N ARG B 238 -11.52 14.00 -19.43
CA ARG B 238 -12.29 15.23 -19.36
C ARG B 238 -12.01 16.13 -20.58
N ASP B 239 -12.72 17.25 -20.71
CA ASP B 239 -12.70 17.99 -21.99
C ASP B 239 -11.64 19.08 -22.16
N LYS B 240 -10.91 19.41 -21.10
CA LYS B 240 -9.88 20.46 -21.18
C LYS B 240 -8.52 19.84 -20.94
N LYS B 241 -7.54 20.24 -21.74
CA LYS B 241 -6.18 19.69 -21.62
C LYS B 241 -5.61 19.83 -20.21
N ASP B 242 -5.83 20.98 -19.60
CA ASP B 242 -5.33 21.25 -18.24
C ASP B 242 -6.14 20.62 -17.10
N ALA B 243 -7.26 19.99 -17.42
CA ALA B 243 -8.16 19.40 -16.42
C ALA B 243 -7.44 18.43 -15.48
N LYS B 244 -7.77 18.51 -14.20
CA LYS B 244 -7.34 17.50 -13.24
C LYS B 244 -8.45 16.45 -13.15
N TYR B 245 -8.30 15.50 -12.23
CA TYR B 245 -9.28 14.44 -12.06
C TYR B 245 -9.66 14.29 -10.58
N ASP B 246 -10.71 13.54 -10.32
CA ASP B 246 -11.09 13.18 -8.96
C ASP B 246 -11.16 11.66 -8.91
N ASP B 247 -10.25 11.06 -8.14
CA ASP B 247 -10.23 9.59 -7.92
C ASP B 247 -11.57 9.03 -7.50
N LYS B 248 -12.35 9.85 -6.80
CA LYS B 248 -13.65 9.43 -6.31
C LYS B 248 -14.54 8.92 -7.46
N LEU B 249 -14.38 9.49 -8.65
CA LEU B 249 -15.13 9.01 -9.82
C LEU B 249 -14.93 7.50 -10.01
N ILE B 250 -13.66 7.08 -9.97
CA ILE B 250 -13.30 5.67 -10.17
C ILE B 250 -13.84 4.80 -9.05
N ALA B 251 -13.66 5.24 -7.80
CA ALA B 251 -14.20 4.49 -6.66
C ALA B 251 -15.73 4.37 -6.73
N GLU B 252 -16.42 5.46 -7.08
CA GLU B 252 -17.88 5.42 -7.21
C GLU B 252 -18.29 4.53 -8.37
N ALA B 253 -17.61 4.63 -9.51
CA ALA B 253 -17.89 3.73 -10.64
C ALA B 253 -17.70 2.25 -10.26
N THR B 254 -16.66 1.96 -9.47
CA THR B 254 -16.40 0.60 -8.98
C THR B 254 -17.58 0.08 -8.11
N LYS B 255 -18.13 0.93 -7.25
CA LYS B 255 -19.28 0.57 -6.41
C LYS B 255 -20.48 0.16 -7.25
N VAL B 256 -20.70 0.89 -8.34
CA VAL B 256 -21.78 0.58 -9.28
C VAL B 256 -21.56 -0.80 -9.92
N VAL B 257 -20.33 -1.06 -10.36
CA VAL B 257 -19.98 -2.36 -10.97
C VAL B 257 -20.26 -3.51 -10.00
N MET B 258 -19.83 -3.34 -8.75
CA MET B 258 -19.90 -4.41 -7.76
C MET B 258 -21.37 -4.72 -7.39
N LYS B 259 -22.19 -3.67 -7.28
CA LYS B 259 -23.63 -3.83 -7.08
C LYS B 259 -24.27 -4.51 -8.28
N ALA B 260 -23.90 -4.10 -9.51
CA ALA B 260 -24.46 -4.70 -10.72
C ALA B 260 -24.13 -6.19 -10.88
N LEU B 261 -22.89 -6.55 -10.58
CA LEU B 261 -22.44 -7.95 -10.73
C LEU B 261 -22.99 -8.88 -9.65
N ASN B 262 -23.44 -8.31 -8.54
CA ASN B 262 -24.04 -9.11 -7.49
C ASN B 262 -25.50 -9.48 -7.76
#